data_8Q0W
#
_entry.id   8Q0W
#
_cell.length_a   44.891
_cell.length_b   72.757
_cell.length_c   52.461
_cell.angle_alpha   90.000
_cell.angle_beta   109.140
_cell.angle_gamma   90.000
#
_symmetry.space_group_name_H-M   'P 1 21 1'
#
loop_
_entity.id
_entity.type
_entity.pdbx_description
1 polymer Endothiapepsin
2 non-polymer 'DIMETHYL SULFOXIDE'
3 non-polymer (3~{R},5~{R})-3-[2-[[methyl(prop-2-enyl)amino]methyl]-1,3-thiazol-4-yl]-5-[3-[4-(trifluoromethyl)phenyl]-1,2,4-oxadiazol-5-yl]pyrrolidin-3-ol
4 non-polymer 'ACETATE ION'
5 water water
#
_entity_poly.entity_id   1
_entity_poly.type   'polypeptide(L)'
_entity_poly.pdbx_seq_one_letter_code
;STGSATTTPIDSLDDAYITPVQIGTPAQTLNLDFDTGSSDLWVFSSETTASEVDGQTIYTPSKSTTAKLLSGATWSISYG
DGSSSSGDVYTDTVSVGGLTVTGQAVESAKKVSSSFTEDSTIDGLLGLAFSTLNTVSPTQQKTFFDNAKASLDSPVFTAD
LGYHAPGTYNFGFIDTTAYTGSITYTAVSTKQGFWEWTSTGYAVGSGTFKSTSIDGIADTGTTLLYLPATVVSAYWAQVS
GAKSSSSVGGYVFPCSATLPSFTFGVGSARIVIPGDYIDFGPISTGSSSCFGGIQSSAGIGINIFGDVALKAAFVVFNGA
TTPTLGFASK
;
_entity_poly.pdbx_strand_id   A
#
loop_
_chem_comp.id
_chem_comp.type
_chem_comp.name
_chem_comp.formula
ACT non-polymer 'ACETATE ION' 'C2 H3 O2 -1'
DMS non-polymer 'DIMETHYL SULFOXIDE' 'C2 H6 O S'
IJG non-polymer (3~{R},5~{R})-3-[2-[[methyl(prop-2-enyl)amino]methyl]-1,3-thiazol-4-yl]-5-[3-[4-(trifluoromethyl)phenyl]-1,2,4-oxadiazol-5-yl]pyrrolidin-3-ol 'C21 H22 F3 N5 O2 S'
#
# COMPACT_ATOMS: atom_id res chain seq x y z
N SER A 1 17.13 -13.64 9.94
CA SER A 1 15.75 -13.81 10.39
C SER A 1 14.76 -13.57 9.26
N THR A 2 13.50 -13.95 9.48
CA THR A 2 12.42 -13.70 8.53
C THR A 2 11.14 -13.44 9.31
N GLY A 3 10.14 -12.91 8.61
CA GLY A 3 8.79 -12.84 9.13
C GLY A 3 7.79 -13.08 8.02
N SER A 4 6.58 -13.47 8.43
CA SER A 4 5.52 -13.76 7.46
C SER A 4 4.19 -13.49 8.14
N ALA A 5 3.38 -12.61 7.56
CA ALA A 5 2.10 -12.28 8.18
C ALA A 5 1.02 -12.22 7.11
N THR A 6 -0.19 -12.65 7.48
CA THR A 6 -1.31 -12.59 6.57
C THR A 6 -1.92 -11.20 6.59
N THR A 7 -2.28 -10.71 5.40
CA THR A 7 -2.94 -9.43 5.22
C THR A 7 -4.34 -9.67 4.67
N THR A 8 -5.33 -8.94 5.18
CA THR A 8 -6.73 -9.24 4.89
C THR A 8 -7.44 -7.98 4.43
N PRO A 9 -8.25 -8.05 3.37
CA PRO A 9 -9.00 -6.84 2.96
C PRO A 9 -9.97 -6.41 4.05
N ILE A 10 -10.10 -5.09 4.20
CA ILE A 10 -10.95 -4.56 5.26
C ILE A 10 -12.43 -4.62 4.92
N ASP A 11 -12.78 -4.83 3.65
CA ASP A 11 -14.17 -4.81 3.23
C ASP A 11 -14.28 -5.58 1.92
N SER A 12 -15.51 -5.65 1.41
CA SER A 12 -15.82 -6.46 0.24
C SER A 12 -15.24 -5.88 -1.05
N LEU A 13 -14.69 -4.67 -1.02
CA LEU A 13 -14.15 -4.05 -2.21
C LEU A 13 -12.63 -4.06 -2.26
N ASP A 14 -11.95 -4.61 -1.25
CA ASP A 14 -10.51 -4.49 -1.15
C ASP A 14 -10.08 -3.02 -1.05
N ASP A 15 -10.81 -2.24 -0.25
CA ASP A 15 -10.46 -0.81 -0.15
C ASP A 15 -9.09 -0.60 0.48
N ALA A 16 -8.70 -1.50 1.38
CA ALA A 16 -7.38 -1.50 1.98
C ALA A 16 -7.19 -2.89 2.57
N TYR A 17 -5.96 -3.15 3.04
CA TYR A 17 -5.62 -4.43 3.63
C TYR A 17 -4.99 -4.16 4.99
N ILE A 18 -5.36 -4.99 5.98
CA ILE A 18 -4.81 -4.86 7.32
C ILE A 18 -4.02 -6.10 7.70
N THR A 19 -2.94 -5.87 8.46
CA THR A 19 -2.02 -6.93 8.86
C THR A 19 -1.80 -6.79 10.35
N PRO A 20 -1.90 -7.88 11.13
CA PRO A 20 -1.72 -7.78 12.57
C PRO A 20 -0.26 -7.51 12.91
N VAL A 21 -0.03 -6.60 13.86
CA VAL A 21 1.30 -6.21 14.27
C VAL A 21 1.33 -6.22 15.79
N GLN A 22 2.35 -6.85 16.37
CA GLN A 22 2.50 -6.87 17.82
C GLN A 22 3.36 -5.70 18.27
N ILE A 23 2.86 -4.91 19.22
CA ILE A 23 3.60 -3.76 19.74
C ILE A 23 3.67 -3.85 21.26
N GLY A 24 4.88 -3.73 21.79
CA GLY A 24 5.04 -3.58 23.23
C GLY A 24 5.12 -4.91 23.97
N THR A 25 5.26 -4.80 25.30
CA THR A 25 5.42 -5.97 26.17
C THR A 25 4.55 -5.80 27.40
N PRO A 26 3.57 -6.67 27.65
CA PRO A 26 3.11 -7.78 26.80
C PRO A 26 2.60 -7.23 25.48
N ALA A 27 2.52 -8.10 24.47
CA ALA A 27 2.14 -7.64 23.14
C ALA A 27 0.76 -7.01 23.13
N GLN A 28 0.64 -5.91 22.40
CA GLN A 28 -0.64 -5.32 22.02
C GLN A 28 -0.75 -5.47 20.52
N THR A 29 -1.77 -6.19 20.07
CA THR A 29 -1.90 -6.47 18.65
C THR A 29 -2.83 -5.45 18.03
N LEU A 30 -2.31 -4.72 17.04
CA LEU A 30 -3.07 -3.73 16.29
C LEU A 30 -3.06 -4.12 14.81
N ASN A 31 -4.14 -3.83 14.11
CA ASN A 31 -4.23 -4.18 12.69
C ASN A 31 -3.84 -2.97 11.87
N LEU A 32 -2.66 -3.03 11.23
CA LEU A 32 -2.12 -1.86 10.55
C LEU A 32 -2.21 -2.02 9.03
N ASP A 33 -2.36 -0.89 8.36
CA ASP A 33 -2.36 -0.83 6.90
C ASP A 33 -0.91 -0.66 6.46
N PHE A 34 -0.32 -1.72 5.88
CA PHE A 34 1.06 -1.66 5.39
C PHE A 34 1.09 -0.83 4.11
N ASP A 35 1.88 0.23 4.12
CA ASP A 35 1.81 1.28 3.09
C ASP A 35 3.20 1.47 2.47
N THR A 36 3.45 0.88 1.29
CA THR A 36 4.76 1.13 0.66
C THR A 36 4.88 2.52 0.06
N GLY A 37 3.87 3.37 0.21
CA GLY A 37 3.90 4.75 -0.21
C GLY A 37 4.10 5.77 0.89
N SER A 38 4.40 5.34 2.12
CA SER A 38 4.74 6.29 3.18
C SER A 38 5.71 5.61 4.12
N SER A 39 6.19 6.37 5.11
CA SER A 39 7.33 5.89 5.87
C SER A 39 7.17 6.11 7.37
N ASP A 40 5.94 6.21 7.85
CA ASP A 40 5.65 6.41 9.27
C ASP A 40 4.88 5.19 9.77
N LEU A 41 5.29 4.65 10.92
CA LEU A 41 4.49 3.66 11.65
C LEU A 41 3.75 4.44 12.72
N TRP A 42 2.44 4.66 12.51
CA TRP A 42 1.66 5.38 13.51
C TRP A 42 0.44 4.57 13.91
N VAL A 43 -0.04 4.80 15.13
CA VAL A 43 -1.14 4.03 15.70
C VAL A 43 -2.12 4.92 16.44
N PHE A 44 -3.40 4.57 16.36
CA PHE A 44 -4.36 5.00 17.37
C PHE A 44 -3.84 4.58 18.74
N SER A 45 -4.05 5.44 19.74
CA SER A 45 -3.41 5.20 21.02
C SER A 45 -4.27 5.75 22.15
N SER A 46 -3.81 5.52 23.38
CA SER A 46 -4.42 6.12 24.56
C SER A 46 -4.29 7.64 24.58
N GLU A 47 -3.48 8.21 23.69
CA GLU A 47 -3.34 9.65 23.55
C GLU A 47 -4.26 10.26 22.50
N THR A 48 -4.91 9.46 21.68
CA THR A 48 -5.74 10.00 20.61
C THR A 48 -6.99 10.66 21.19
N THR A 49 -7.26 11.91 20.77
CA THR A 49 -8.47 12.63 21.14
C THR A 49 -9.67 11.69 21.15
N ALA A 50 -10.35 11.60 22.29
CA ALA A 50 -11.38 10.58 22.47
C ALA A 50 -12.45 10.67 21.40
N SER A 51 -12.89 11.88 21.04
CA SER A 51 -13.94 12.04 20.05
C SER A 51 -13.53 11.57 18.66
N GLU A 52 -12.24 11.31 18.44
CA GLU A 52 -11.73 10.89 17.14
C GLU A 52 -11.46 9.41 17.07
N VAL A 53 -11.80 8.66 18.10
CA VAL A 53 -11.65 7.21 18.14
C VAL A 53 -13.06 6.63 18.09
N ASP A 54 -13.29 5.67 17.16
CA ASP A 54 -14.60 5.06 16.95
C ASP A 54 -14.39 3.59 16.56
N GLY A 55 -14.01 2.77 17.54
CA GLY A 55 -13.94 1.34 17.35
C GLY A 55 -12.55 0.80 17.10
N GLN A 56 -11.56 1.65 16.89
CA GLN A 56 -10.19 1.17 16.68
C GLN A 56 -9.64 0.56 17.97
N THR A 57 -8.75 -0.40 17.80
CA THR A 57 -7.89 -0.85 18.89
C THR A 57 -6.75 0.15 19.07
N ILE A 58 -6.49 0.50 20.33
CA ILE A 58 -5.50 1.53 20.63
C ILE A 58 -4.28 0.89 21.28
N TYR A 59 -3.12 1.50 21.01
CA TYR A 59 -1.86 1.19 21.70
C TYR A 59 -1.77 2.05 22.95
N THR A 60 -1.50 1.42 24.09
CA THR A 60 -1.38 2.15 25.36
C THR A 60 0.06 2.01 25.82
N PRO A 61 0.93 2.99 25.57
CA PRO A 61 2.35 2.80 25.92
C PRO A 61 2.56 2.63 27.41
N SER A 62 1.70 3.22 28.26
CA SER A 62 1.89 3.09 29.69
C SER A 62 1.70 1.66 30.20
N LYS A 63 1.16 0.77 29.37
CA LYS A 63 1.01 -0.64 29.71
C LYS A 63 2.10 -1.52 29.13
N SER A 64 3.09 -0.94 28.45
CA SER A 64 4.18 -1.69 27.85
C SER A 64 5.45 -1.45 28.63
N THR A 65 6.04 -2.55 29.12
CA THR A 65 7.27 -2.41 29.90
C THR A 65 8.46 -2.01 29.04
N THR A 66 8.35 -2.12 27.72
CA THR A 66 9.45 -1.79 26.82
C THR A 66 9.26 -0.45 26.13
N ALA A 67 8.14 0.24 26.36
CA ALA A 67 7.92 1.54 25.74
C ALA A 67 8.75 2.62 26.41
N LYS A 68 9.30 3.52 25.59
CA LYS A 68 10.05 4.68 26.07
C LYS A 68 9.63 5.89 25.26
N LEU A 69 9.26 6.99 25.93
CA LEU A 69 8.99 8.21 25.20
C LEU A 69 10.25 8.60 24.42
N LEU A 70 10.09 8.94 23.15
CA LEU A 70 11.19 9.53 22.37
C LEU A 70 11.05 11.04 22.59
N SER A 71 11.77 11.53 23.60
N SER A 71 11.75 11.52 23.61
CA SER A 71 11.52 12.85 24.17
CA SER A 71 11.48 12.85 24.15
C SER A 71 11.69 13.96 23.15
C SER A 71 11.64 13.92 23.09
N GLY A 72 10.63 14.77 22.98
CA GLY A 72 10.67 15.92 22.11
C GLY A 72 10.29 15.65 20.68
N ALA A 73 10.10 14.40 20.30
CA ALA A 73 9.83 14.05 18.91
C ALA A 73 8.33 14.17 18.64
N THR A 74 8.01 14.79 17.51
CA THR A 74 6.63 14.85 17.06
C THR A 74 6.57 14.44 15.60
N TRP A 75 5.34 14.23 15.12
CA TRP A 75 5.16 13.82 13.74
C TRP A 75 3.85 14.37 13.25
N SER A 76 3.74 14.50 11.93
CA SER A 76 2.55 15.05 11.32
C SER A 76 2.61 14.67 9.85
N ILE A 77 1.56 14.03 9.36
CA ILE A 77 1.58 13.50 7.99
C ILE A 77 0.22 13.71 7.37
N SER A 78 0.22 13.89 6.05
CA SER A 78 -1.01 13.91 5.28
C SER A 78 -0.82 12.97 4.11
N TYR A 79 -1.92 12.36 3.68
CA TYR A 79 -1.89 11.37 2.61
C TYR A 79 -2.57 11.93 1.38
N GLY A 80 -2.43 11.20 0.27
CA GLY A 80 -2.89 11.70 -1.02
C GLY A 80 -4.37 11.95 -1.10
N ASP A 81 -5.17 11.36 -0.21
CA ASP A 81 -6.61 11.59 -0.19
C ASP A 81 -7.01 12.79 0.66
N GLY A 82 -6.04 13.47 1.26
CA GLY A 82 -6.35 14.60 2.11
C GLY A 82 -6.46 14.26 3.57
N SER A 83 -6.39 12.97 3.94
N SER A 83 -6.37 12.98 3.94
CA SER A 83 -6.44 12.61 5.34
CA SER A 83 -6.42 12.57 5.33
C SER A 83 -5.12 12.97 6.01
C SER A 83 -5.08 12.89 6.01
N SER A 84 -5.12 12.92 7.33
CA SER A 84 -3.93 13.31 8.07
C SER A 84 -4.00 12.79 9.50
N SER A 85 -2.84 12.81 10.16
CA SER A 85 -2.76 12.47 11.57
C SER A 85 -1.45 13.06 12.10
N SER A 86 -1.36 13.16 13.43
CA SER A 86 -0.19 13.76 14.06
C SER A 86 -0.12 13.34 15.52
N GLY A 87 1.07 13.50 16.12
CA GLY A 87 1.20 13.20 17.53
C GLY A 87 2.63 13.21 18.00
N ASP A 88 2.91 12.37 18.99
CA ASP A 88 4.26 12.23 19.57
C ASP A 88 4.75 10.82 19.32
N VAL A 89 5.88 10.46 19.92
CA VAL A 89 6.59 9.25 19.50
C VAL A 89 7.09 8.47 20.72
N TYR A 90 6.92 7.16 20.67
CA TYR A 90 7.55 6.22 21.59
C TYR A 90 8.46 5.31 20.79
N THR A 91 9.46 4.74 21.45
CA THR A 91 10.10 3.55 20.91
C THR A 91 9.59 2.34 21.66
N ASP A 92 9.46 1.22 20.95
CA ASP A 92 8.96 0.00 21.58
C ASP A 92 9.34 -1.16 20.68
N THR A 93 9.13 -2.36 21.20
CA THR A 93 9.36 -3.58 20.42
C THR A 93 8.16 -3.82 19.51
N VAL A 94 8.46 -4.05 18.23
CA VAL A 94 7.43 -4.28 17.21
C VAL A 94 7.74 -5.58 16.50
N SER A 95 6.75 -6.46 16.38
CA SER A 95 6.93 -7.74 15.69
C SER A 95 5.88 -7.90 14.62
N VAL A 96 6.31 -8.37 13.46
CA VAL A 96 5.42 -8.66 12.33
C VAL A 96 5.66 -10.10 11.95
N GLY A 97 4.66 -10.95 12.14
CA GLY A 97 4.77 -12.31 11.65
C GLY A 97 5.99 -13.05 12.15
N GLY A 98 6.41 -12.80 13.39
CA GLY A 98 7.55 -13.47 13.97
C GLY A 98 8.88 -12.73 13.86
N LEU A 99 8.93 -11.63 13.12
CA LEU A 99 10.15 -10.85 12.98
C LEU A 99 10.06 -9.66 13.92
N THR A 100 11.08 -9.48 14.77
CA THR A 100 11.03 -8.50 15.84
C THR A 100 12.08 -7.41 15.62
N VAL A 101 11.66 -6.15 15.79
CA VAL A 101 12.57 -5.00 15.85
C VAL A 101 12.43 -4.39 17.23
N THR A 102 13.53 -4.30 17.97
CA THR A 102 13.53 -3.56 19.22
C THR A 102 13.86 -2.10 18.95
N GLY A 103 13.26 -1.21 19.75
CA GLY A 103 13.53 0.20 19.57
C GLY A 103 12.91 0.85 18.35
N GLN A 104 11.88 0.25 17.77
CA GLN A 104 11.21 0.86 16.63
C GLN A 104 10.44 2.12 17.08
N ALA A 105 10.48 3.16 16.25
CA ALA A 105 9.65 4.34 16.48
C ALA A 105 8.19 4.00 16.21
N VAL A 106 7.38 4.12 17.25
CA VAL A 106 5.93 3.94 17.19
C VAL A 106 5.32 5.32 17.40
N GLU A 107 4.70 5.87 16.35
CA GLU A 107 4.22 7.25 16.38
C GLU A 107 2.79 7.21 16.90
N SER A 108 2.58 7.80 18.07
CA SER A 108 1.28 7.73 18.74
C SER A 108 0.41 8.90 18.29
N ALA A 109 -0.78 8.62 17.75
CA ALA A 109 -1.61 9.72 17.28
C ALA A 109 -2.23 10.46 18.44
N LYS A 110 -2.09 11.78 18.43
CA LYS A 110 -2.95 12.62 19.27
C LYS A 110 -4.16 13.10 18.49
N LYS A 111 -4.03 13.25 17.18
CA LYS A 111 -5.12 13.73 16.34
C LYS A 111 -5.15 12.88 15.08
N VAL A 112 -6.37 12.54 14.62
CA VAL A 112 -6.56 11.88 13.32
C VAL A 112 -7.70 12.60 12.61
N SER A 113 -7.65 12.59 11.27
CA SER A 113 -8.72 13.19 10.50
C SER A 113 -9.92 12.23 10.38
N SER A 114 -11.02 12.77 9.87
CA SER A 114 -12.31 12.08 9.96
C SER A 114 -12.29 10.74 9.24
N SER A 115 -11.56 10.64 8.11
CA SER A 115 -11.53 9.39 7.37
C SER A 115 -10.90 8.26 8.17
N PHE A 116 -9.92 8.58 9.02
CA PHE A 116 -9.37 7.55 9.89
C PHE A 116 -10.37 7.18 10.98
N THR A 117 -10.96 8.17 11.63
CA THR A 117 -11.97 7.90 12.66
C THR A 117 -13.06 6.99 12.11
N GLU A 118 -13.46 7.23 10.86
CA GLU A 118 -14.59 6.55 10.25
C GLU A 118 -14.28 5.11 9.84
N ASP A 119 -13.01 4.75 9.75
CA ASP A 119 -12.59 3.40 9.37
C ASP A 119 -12.18 2.65 10.64
N SER A 120 -13.16 2.00 11.26
CA SER A 120 -12.92 1.28 12.51
C SER A 120 -11.99 0.09 12.34
N THR A 121 -11.77 -0.38 11.11
CA THR A 121 -10.95 -1.58 10.88
C THR A 121 -9.45 -1.28 10.83
N ILE A 122 -9.04 -0.02 10.68
CA ILE A 122 -7.63 0.32 10.51
C ILE A 122 -7.15 0.99 11.80
N ASP A 123 -6.20 0.34 12.49
CA ASP A 123 -5.70 0.84 13.77
C ASP A 123 -4.47 1.71 13.62
N GLY A 124 -3.98 1.87 12.39
CA GLY A 124 -2.81 2.67 12.14
C GLY A 124 -2.20 2.24 10.82
N LEU A 125 -1.03 2.82 10.52
CA LEU A 125 -0.34 2.54 9.28
C LEU A 125 1.07 2.09 9.61
N LEU A 126 1.63 1.19 8.78
CA LEU A 126 3.03 0.81 8.90
C LEU A 126 3.70 1.14 7.58
N GLY A 127 4.49 2.21 7.56
CA GLY A 127 5.06 2.67 6.30
C GLY A 127 6.27 1.83 5.88
N LEU A 128 6.33 1.56 4.57
CA LEU A 128 7.38 0.74 3.97
C LEU A 128 8.06 1.41 2.78
N ALA A 129 7.84 2.70 2.57
CA ALA A 129 8.67 3.46 1.64
C ALA A 129 10.04 3.73 2.29
N PHE A 130 10.83 4.58 1.66
CA PHE A 130 12.18 4.80 2.17
C PHE A 130 12.14 5.76 3.34
N SER A 131 13.08 5.58 4.28
CA SER A 131 12.99 6.32 5.54
C SER A 131 13.18 7.82 5.35
N THR A 132 13.69 8.24 4.20
CA THR A 132 13.80 9.66 3.89
C THR A 132 12.46 10.39 3.89
N LEU A 133 11.34 9.66 3.76
CA LEU A 133 10.03 10.28 3.86
C LEU A 133 9.48 10.32 5.29
N ASN A 134 10.17 9.78 6.28
CA ASN A 134 9.59 9.72 7.61
C ASN A 134 9.44 11.13 8.18
N THR A 135 8.31 11.41 8.85
CA THR A 135 7.99 12.78 9.24
C THR A 135 8.39 13.13 10.67
N VAL A 136 9.02 12.22 11.41
CA VAL A 136 9.38 12.54 12.80
C VAL A 136 10.41 13.66 12.83
N SER A 137 10.17 14.66 13.69
CA SER A 137 11.04 15.80 13.89
C SER A 137 11.30 15.94 15.38
N PRO A 138 12.50 16.35 15.79
CA PRO A 138 13.63 16.81 14.96
C PRO A 138 14.56 15.71 14.48
N THR A 139 14.32 14.46 14.88
CA THR A 139 15.21 13.34 14.57
C THR A 139 14.40 12.34 13.74
N GLN A 140 14.65 12.33 12.43
CA GLN A 140 13.90 11.46 11.53
C GLN A 140 14.14 10.01 11.91
N GLN A 141 13.11 9.19 11.78
CA GLN A 141 13.16 7.81 12.22
C GLN A 141 13.08 6.84 11.04
N LYS A 142 13.56 5.62 11.30
CA LYS A 142 13.62 4.57 10.29
C LYS A 142 12.35 3.74 10.27
N THR A 143 12.02 3.21 9.09
CA THR A 143 10.88 2.30 8.98
C THR A 143 11.20 0.95 9.60
N PHE A 144 10.14 0.18 9.84
CA PHE A 144 10.29 -1.17 10.37
C PHE A 144 11.19 -1.99 9.46
N PHE A 145 11.01 -1.87 8.14
CA PHE A 145 11.86 -2.62 7.21
C PHE A 145 13.31 -2.15 7.28
N ASP A 146 13.54 -0.84 7.33
CA ASP A 146 14.90 -0.33 7.41
C ASP A 146 15.58 -0.81 8.68
N ASN A 147 14.85 -0.82 9.80
CA ASN A 147 15.44 -1.31 11.05
C ASN A 147 15.71 -2.80 11.00
N ALA A 148 14.82 -3.58 10.35
CA ALA A 148 14.99 -5.03 10.33
C ALA A 148 16.04 -5.49 9.33
N LYS A 149 16.36 -4.63 8.37
CA LYS A 149 17.05 -5.03 7.14
C LYS A 149 18.32 -5.82 7.41
N ALA A 150 19.17 -5.31 8.29
CA ALA A 150 20.46 -5.93 8.54
C ALA A 150 20.32 -7.32 9.13
N SER A 151 19.22 -7.58 9.83
N SER A 151 19.22 -7.59 9.85
CA SER A 151 19.00 -8.87 10.47
CA SER A 151 18.98 -8.88 10.48
C SER A 151 18.36 -9.90 9.54
C SER A 151 18.37 -9.89 9.53
N LEU A 152 17.78 -9.45 8.42
CA LEU A 152 17.05 -10.36 7.56
C LEU A 152 18.00 -11.25 6.77
N ASP A 153 17.49 -12.44 6.42
CA ASP A 153 18.25 -13.36 5.59
C ASP A 153 18.61 -12.73 4.26
N SER A 154 17.67 -11.97 3.69
N SER A 154 17.66 -11.99 3.67
CA SER A 154 17.86 -11.23 2.45
CA SER A 154 17.88 -11.21 2.46
C SER A 154 17.16 -9.90 2.70
C SER A 154 17.17 -9.89 2.70
N PRO A 155 17.71 -8.79 2.20
CA PRO A 155 17.15 -7.45 2.52
C PRO A 155 15.95 -7.09 1.65
N VAL A 156 14.88 -7.89 1.76
CA VAL A 156 13.71 -7.77 0.89
C VAL A 156 12.45 -7.95 1.72
N PHE A 157 11.34 -7.44 1.19
CA PHE A 157 10.03 -7.90 1.64
C PHE A 157 9.17 -8.11 0.40
N THR A 158 8.12 -8.90 0.53
CA THR A 158 7.27 -9.19 -0.61
C THR A 158 5.81 -8.93 -0.24
N ALA A 159 5.05 -8.44 -1.23
CA ALA A 159 3.61 -8.21 -1.11
C ALA A 159 2.90 -9.17 -2.05
N ASP A 160 2.01 -9.97 -1.50
CA ASP A 160 1.21 -10.92 -2.28
C ASP A 160 -0.23 -10.70 -1.87
N LEU A 161 -0.85 -9.65 -2.44
CA LEU A 161 -2.18 -9.25 -2.03
C LEU A 161 -3.23 -10.08 -2.74
N GLY A 162 -4.31 -10.39 -2.01
CA GLY A 162 -5.39 -11.16 -2.59
C GLY A 162 -6.51 -10.31 -3.20
N TYR A 163 -7.18 -10.89 -4.18
CA TYR A 163 -8.39 -10.30 -4.76
C TYR A 163 -9.57 -10.83 -3.97
N HIS A 164 -10.17 -9.96 -3.16
CA HIS A 164 -11.32 -10.35 -2.34
C HIS A 164 -10.95 -11.55 -1.47
N ALA A 165 -9.71 -11.58 -0.99
CA ALA A 165 -9.20 -12.73 -0.26
C ALA A 165 -7.92 -12.32 0.46
N PRO A 166 -7.54 -13.05 1.51
CA PRO A 166 -6.31 -12.73 2.23
C PRO A 166 -5.08 -12.98 1.37
N GLY A 167 -3.98 -12.38 1.81
CA GLY A 167 -2.72 -12.46 1.12
C GLY A 167 -1.62 -12.47 2.15
N THR A 168 -0.40 -12.20 1.74
CA THR A 168 0.77 -12.38 2.60
C THR A 168 1.78 -11.25 2.40
N TYR A 169 2.33 -10.76 3.51
CA TYR A 169 3.57 -9.99 3.51
C TYR A 169 4.66 -10.85 4.12
N ASN A 170 5.75 -11.07 3.38
CA ASN A 170 6.92 -11.77 3.90
C ASN A 170 8.09 -10.81 3.98
N PHE A 171 8.91 -10.99 5.02
CA PHE A 171 10.13 -10.21 5.18
C PHE A 171 11.31 -11.17 5.22
N GLY A 172 12.33 -10.88 4.42
CA GLY A 172 13.61 -11.55 4.51
C GLY A 172 13.77 -12.75 3.59
N PHE A 173 12.73 -13.13 2.84
CA PHE A 173 12.85 -14.28 1.95
C PHE A 173 11.82 -14.18 0.85
N ILE A 174 12.08 -14.90 -0.24
CA ILE A 174 11.19 -14.97 -1.37
C ILE A 174 10.56 -16.36 -1.41
N ASP A 175 9.23 -16.43 -1.31
CA ASP A 175 8.53 -17.70 -1.30
C ASP A 175 8.37 -18.15 -2.75
N THR A 176 9.21 -19.11 -3.17
CA THR A 176 9.20 -19.52 -4.57
C THR A 176 7.95 -20.33 -4.95
N THR A 177 7.14 -20.74 -3.98
CA THR A 177 5.87 -21.40 -4.28
C THR A 177 4.73 -20.42 -4.50
N ALA A 178 4.97 -19.12 -4.29
CA ALA A 178 3.88 -18.15 -4.28
C ALA A 178 3.61 -17.51 -5.64
N TYR A 179 4.38 -17.84 -6.67
CA TYR A 179 4.19 -17.21 -7.97
C TYR A 179 4.46 -18.23 -9.07
N THR A 180 4.02 -17.90 -10.27
CA THR A 180 4.28 -18.70 -11.47
C THR A 180 5.36 -18.03 -12.29
N GLY A 181 6.01 -18.83 -13.14
CA GLY A 181 7.04 -18.27 -13.98
C GLY A 181 8.17 -17.67 -13.17
N SER A 182 8.80 -16.64 -13.74
N SER A 182 8.79 -16.64 -13.75
CA SER A 182 9.93 -15.98 -13.13
CA SER A 182 9.94 -15.97 -13.14
C SER A 182 9.57 -14.57 -12.67
C SER A 182 9.56 -14.59 -12.66
N ILE A 183 10.38 -14.05 -11.76
CA ILE A 183 10.23 -12.69 -11.27
C ILE A 183 11.07 -11.80 -12.18
N THR A 184 10.47 -10.76 -12.76
CA THR A 184 11.22 -9.79 -13.54
C THR A 184 11.53 -8.59 -12.65
N TYR A 185 12.82 -8.31 -12.48
CA TYR A 185 13.23 -7.17 -11.68
C TYR A 185 13.48 -5.95 -12.55
N THR A 186 13.19 -4.78 -11.98
CA THR A 186 13.28 -3.52 -12.69
C THR A 186 13.84 -2.46 -11.75
N ALA A 187 14.55 -1.47 -12.33
CA ALA A 187 15.25 -0.48 -11.52
C ALA A 187 14.31 0.42 -10.71
N VAL A 188 14.76 0.79 -9.52
CA VAL A 188 14.03 1.72 -8.65
C VAL A 188 14.81 3.01 -8.52
N SER A 189 14.11 4.14 -8.59
CA SER A 189 14.64 5.43 -8.18
C SER A 189 14.13 5.74 -6.78
N THR A 190 15.04 6.07 -5.87
CA THR A 190 14.65 6.48 -4.53
C THR A 190 14.62 8.00 -4.36
N LYS A 191 14.74 8.76 -5.46
CA LYS A 191 14.97 10.20 -5.34
C LYS A 191 13.80 10.95 -4.72
N GLN A 192 12.58 10.40 -4.82
CA GLN A 192 11.41 10.97 -4.17
C GLN A 192 11.00 10.19 -2.92
N GLY A 193 11.82 9.25 -2.47
CA GLY A 193 11.53 8.43 -1.30
C GLY A 193 10.56 7.29 -1.52
N PHE A 194 10.12 7.05 -2.76
CA PHE A 194 9.15 6.00 -3.06
C PHE A 194 9.82 4.83 -3.78
N TRP A 195 9.09 3.72 -3.89
CA TRP A 195 9.47 2.59 -4.74
C TRP A 195 9.04 2.96 -6.17
N GLU A 196 9.85 3.81 -6.80
CA GLU A 196 9.47 4.43 -8.06
C GLU A 196 10.20 3.72 -9.19
N TRP A 197 9.46 3.36 -10.23
CA TRP A 197 9.99 2.52 -11.30
C TRP A 197 9.32 2.96 -12.58
N THR A 198 9.69 2.35 -13.71
CA THR A 198 9.16 2.75 -15.01
C THR A 198 8.59 1.51 -15.70
N SER A 199 7.28 1.47 -15.82
CA SER A 199 6.65 0.43 -16.61
C SER A 199 6.95 0.64 -18.09
N THR A 200 6.99 -0.47 -18.84
CA THR A 200 7.35 -0.45 -20.26
C THR A 200 6.14 -0.32 -21.20
N GLY A 201 4.92 -0.30 -20.67
CA GLY A 201 3.76 0.00 -21.50
C GLY A 201 2.52 -0.74 -21.01
N TYR A 202 1.54 -0.86 -21.91
CA TYR A 202 0.27 -1.42 -21.47
C TYR A 202 -0.50 -2.00 -22.66
N ALA A 203 -1.47 -2.83 -22.32
CA ALA A 203 -2.46 -3.29 -23.29
C ALA A 203 -3.82 -3.29 -22.62
N VAL A 204 -4.86 -3.16 -23.44
CA VAL A 204 -6.24 -3.20 -22.97
C VAL A 204 -6.88 -4.47 -23.52
N GLY A 205 -7.42 -5.32 -22.63
CA GLY A 205 -8.04 -6.55 -23.11
C GLY A 205 -7.09 -7.37 -23.97
N SER A 206 -7.62 -7.84 -25.10
N SER A 206 -7.61 -7.84 -25.10
CA SER A 206 -6.85 -8.60 -26.06
CA SER A 206 -6.81 -8.61 -26.04
C SER A 206 -6.09 -7.73 -27.05
C SER A 206 -6.05 -7.73 -27.02
N GLY A 207 -5.98 -6.43 -26.79
CA GLY A 207 -5.34 -5.54 -27.73
C GLY A 207 -3.84 -5.70 -27.75
N THR A 208 -3.24 -5.10 -28.77
CA THR A 208 -1.80 -5.16 -28.91
C THR A 208 -1.15 -4.27 -27.86
N PHE A 209 0.07 -4.63 -27.50
CA PHE A 209 0.77 -3.91 -26.45
C PHE A 209 1.31 -2.61 -27.00
N LYS A 210 1.12 -1.53 -26.24
CA LYS A 210 1.65 -0.22 -26.55
C LYS A 210 2.91 -0.01 -25.71
N SER A 211 4.06 0.06 -26.39
N SER A 211 4.06 0.08 -26.39
CA SER A 211 5.34 0.30 -25.71
CA SER A 211 5.35 0.30 -25.73
C SER A 211 5.44 1.79 -25.40
C SER A 211 5.47 1.78 -25.41
N THR A 212 5.49 2.12 -24.12
CA THR A 212 5.57 3.51 -23.70
C THR A 212 6.01 3.51 -22.24
N SER A 213 6.92 4.43 -21.90
CA SER A 213 7.45 4.46 -20.54
C SER A 213 6.48 5.19 -19.61
N ILE A 214 6.12 4.53 -18.50
CA ILE A 214 5.22 5.09 -17.51
C ILE A 214 5.93 5.04 -16.15
N ASP A 215 6.41 6.20 -15.68
CA ASP A 215 7.04 6.31 -14.37
C ASP A 215 5.94 6.28 -13.31
N GLY A 216 6.13 5.48 -12.26
CA GLY A 216 5.10 5.46 -11.22
C GLY A 216 5.67 4.79 -9.98
N ILE A 217 4.83 4.69 -8.94
CA ILE A 217 5.28 4.12 -7.67
C ILE A 217 4.47 2.86 -7.37
N ALA A 218 5.11 1.90 -6.73
CA ALA A 218 4.42 0.72 -6.24
C ALA A 218 3.94 1.05 -4.84
N ASP A 219 2.63 1.15 -4.66
CA ASP A 219 2.04 1.68 -3.43
C ASP A 219 0.93 0.78 -2.90
N THR A 220 1.26 -0.08 -1.93
CA THR A 220 0.25 -0.93 -1.32
C THR A 220 -0.80 -0.15 -0.54
N GLY A 221 -0.54 1.10 -0.16
CA GLY A 221 -1.47 1.90 0.58
C GLY A 221 -2.48 2.67 -0.27
N THR A 222 -2.38 2.57 -1.59
CA THR A 222 -3.37 3.18 -2.49
C THR A 222 -4.23 2.08 -3.07
N THR A 223 -5.56 2.31 -3.06
CA THR A 223 -6.51 1.27 -3.47
C THR A 223 -6.45 1.00 -4.97
N LEU A 224 -6.40 2.06 -5.79
CA LEU A 224 -6.66 1.96 -7.23
C LEU A 224 -5.36 2.12 -8.02
N LEU A 225 -5.49 1.96 -9.34
CA LEU A 225 -4.40 2.15 -10.29
C LEU A 225 -4.57 3.51 -10.96
N TYR A 226 -3.62 4.41 -10.77
CA TYR A 226 -3.70 5.77 -11.30
C TYR A 226 -2.65 5.94 -12.38
N LEU A 227 -3.09 6.18 -13.61
CA LEU A 227 -2.21 6.22 -14.78
C LEU A 227 -2.52 7.46 -15.60
N PRO A 228 -1.67 7.81 -16.58
CA PRO A 228 -1.90 9.04 -17.34
C PRO A 228 -3.25 9.01 -18.04
N ALA A 229 -3.79 10.21 -18.22
CA ALA A 229 -5.13 10.35 -18.75
C ALA A 229 -5.28 9.71 -20.12
N THR A 230 -4.21 9.72 -20.93
CA THR A 230 -4.26 9.05 -22.24
C THR A 230 -4.51 7.57 -22.08
N VAL A 231 -3.75 6.92 -21.21
CA VAL A 231 -3.89 5.48 -20.98
C VAL A 231 -5.29 5.16 -20.46
N VAL A 232 -5.75 5.94 -19.48
CA VAL A 232 -7.01 5.65 -18.81
C VAL A 232 -8.17 5.85 -19.78
N SER A 233 -8.08 6.87 -20.63
CA SER A 233 -9.11 7.08 -21.65
C SER A 233 -9.17 5.91 -22.61
N ALA A 234 -8.00 5.38 -23.01
CA ALA A 234 -7.97 4.26 -23.96
C ALA A 234 -8.60 3.01 -23.34
N TYR A 235 -8.41 2.81 -22.03
CA TYR A 235 -9.05 1.70 -21.33
C TYR A 235 -10.58 1.87 -21.33
N TRP A 236 -11.05 2.99 -20.79
CA TRP A 236 -12.49 3.16 -20.57
C TRP A 236 -13.25 3.31 -21.87
N ALA A 237 -12.58 3.73 -22.95
CA ALA A 237 -13.23 3.74 -24.26
C ALA A 237 -13.70 2.37 -24.70
N GLN A 238 -13.16 1.30 -24.10
CA GLN A 238 -13.59 -0.04 -24.50
C GLN A 238 -14.84 -0.50 -23.76
N VAL A 239 -15.36 0.29 -22.82
CA VAL A 239 -16.49 -0.10 -21.98
C VAL A 239 -17.67 0.77 -22.37
N SER A 240 -18.71 0.17 -22.94
N SER A 240 -18.71 0.17 -22.95
CA SER A 240 -19.89 0.93 -23.35
CA SER A 240 -19.87 0.96 -23.35
C SER A 240 -20.50 1.65 -22.15
C SER A 240 -20.50 1.65 -22.15
N GLY A 241 -20.72 2.95 -22.29
CA GLY A 241 -21.34 3.75 -21.25
C GLY A 241 -20.39 4.29 -20.21
N ALA A 242 -19.10 3.96 -20.27
CA ALA A 242 -18.18 4.46 -19.27
C ALA A 242 -17.89 5.93 -19.54
N LYS A 243 -17.74 6.70 -18.46
CA LYS A 243 -17.55 8.13 -18.60
C LYS A 243 -16.83 8.63 -17.36
N SER A 244 -16.14 9.76 -17.51
CA SER A 244 -15.54 10.43 -16.36
C SER A 244 -16.56 11.39 -15.78
N SER A 245 -16.84 11.23 -14.51
CA SER A 245 -17.87 12.02 -13.82
C SER A 245 -17.18 12.99 -12.87
N SER A 246 -17.34 14.28 -13.11
CA SER A 246 -16.82 15.28 -12.18
C SER A 246 -17.48 15.17 -10.81
N SER A 247 -18.77 14.85 -10.78
CA SER A 247 -19.49 14.80 -9.51
C SER A 247 -19.08 13.60 -8.67
N VAL A 248 -18.80 12.46 -9.30
CA VAL A 248 -18.35 11.31 -8.53
C VAL A 248 -16.85 11.41 -8.24
N GLY A 249 -16.08 12.02 -9.13
CA GLY A 249 -14.65 12.10 -8.92
C GLY A 249 -13.82 11.11 -9.72
N GLY A 250 -14.34 10.60 -10.82
CA GLY A 250 -13.54 9.75 -11.67
C GLY A 250 -14.42 8.98 -12.62
N TYR A 251 -13.79 8.01 -13.28
CA TYR A 251 -14.51 7.20 -14.25
C TYR A 251 -15.48 6.26 -13.55
N VAL A 252 -16.71 6.24 -14.07
CA VAL A 252 -17.73 5.27 -13.67
C VAL A 252 -18.16 4.52 -14.91
N PHE A 253 -18.80 3.38 -14.69
CA PHE A 253 -19.22 2.54 -15.82
C PHE A 253 -20.48 1.81 -15.42
N PRO A 254 -21.28 1.37 -16.38
CA PRO A 254 -22.51 0.66 -16.02
C PRO A 254 -22.19 -0.63 -15.28
N CYS A 255 -22.84 -0.85 -14.14
CA CYS A 255 -22.59 -2.10 -13.43
C CYS A 255 -22.97 -3.34 -14.23
N SER A 256 -23.73 -3.18 -15.30
CA SER A 256 -24.05 -4.32 -16.16
C SER A 256 -22.89 -4.76 -17.06
N ALA A 257 -21.80 -4.02 -17.08
CA ALA A 257 -20.70 -4.30 -17.99
C ALA A 257 -19.80 -5.39 -17.46
N THR A 258 -19.20 -6.14 -18.39
CA THR A 258 -18.04 -6.98 -18.11
C THR A 258 -16.80 -6.22 -18.57
N LEU A 259 -15.83 -6.05 -17.65
CA LEU A 259 -14.69 -5.19 -17.96
C LEU A 259 -13.57 -5.97 -18.65
N PRO A 260 -12.87 -5.30 -19.56
CA PRO A 260 -11.65 -5.90 -20.12
C PRO A 260 -10.52 -5.91 -19.12
N SER A 261 -9.59 -6.81 -19.36
CA SER A 261 -8.37 -6.84 -18.56
C SER A 261 -7.49 -5.65 -18.92
N PHE A 262 -6.47 -5.44 -18.08
CA PHE A 262 -5.49 -4.41 -18.36
C PHE A 262 -4.12 -5.01 -18.08
N THR A 263 -3.22 -4.91 -19.06
CA THR A 263 -1.87 -5.45 -18.93
C THR A 263 -0.89 -4.32 -18.77
N PHE A 264 0.05 -4.45 -17.83
CA PHE A 264 1.16 -3.51 -17.75
C PHE A 264 2.50 -4.20 -17.93
N GLY A 265 3.45 -3.49 -18.52
CA GLY A 265 4.78 -4.03 -18.78
C GLY A 265 5.75 -3.85 -17.64
N VAL A 266 6.52 -4.90 -17.37
CA VAL A 266 7.66 -4.87 -16.44
C VAL A 266 8.83 -5.38 -17.26
N GLY A 267 9.69 -4.47 -17.71
CA GLY A 267 10.69 -4.85 -18.68
C GLY A 267 10.04 -5.55 -19.86
N SER A 268 10.56 -6.71 -20.23
CA SER A 268 9.97 -7.48 -21.31
C SER A 268 8.82 -8.38 -20.85
N ALA A 269 8.48 -8.38 -19.57
CA ALA A 269 7.42 -9.23 -19.04
C ALA A 269 6.12 -8.45 -18.94
N ARG A 270 5.05 -9.17 -18.58
CA ARG A 270 3.71 -8.59 -18.60
C ARG A 270 2.94 -9.10 -17.39
N ILE A 271 2.24 -8.18 -16.73
CA ILE A 271 1.30 -8.53 -15.65
C ILE A 271 -0.09 -8.20 -16.15
N VAL A 272 -1.00 -9.17 -16.08
CA VAL A 272 -2.36 -9.01 -16.58
C VAL A 272 -3.29 -8.85 -15.38
N ILE A 273 -3.95 -7.69 -15.30
CA ILE A 273 -4.98 -7.44 -14.28
C ILE A 273 -6.31 -7.90 -14.86
N PRO A 274 -6.97 -8.92 -14.28
CA PRO A 274 -8.27 -9.33 -14.81
C PRO A 274 -9.29 -8.21 -14.69
N GLY A 275 -10.23 -8.19 -15.64
CA GLY A 275 -11.23 -7.14 -15.65
C GLY A 275 -12.00 -7.04 -14.34
N ASP A 276 -12.26 -8.18 -13.69
CA ASP A 276 -13.01 -8.15 -12.45
C ASP A 276 -12.30 -7.34 -11.37
N TYR A 277 -10.96 -7.28 -11.43
CA TYR A 277 -10.22 -6.54 -10.40
C TYR A 277 -10.45 -5.04 -10.51
N ILE A 278 -10.94 -4.58 -11.67
CA ILE A 278 -11.14 -3.16 -11.96
C ILE A 278 -12.54 -2.71 -11.58
N ASP A 279 -13.38 -3.62 -11.09
CA ASP A 279 -14.75 -3.30 -10.70
C ASP A 279 -14.77 -3.01 -9.20
N PHE A 280 -15.07 -1.76 -8.83
CA PHE A 280 -15.21 -1.38 -7.43
C PHE A 280 -16.64 -1.15 -7.00
N GLY A 281 -17.59 -1.61 -7.80
CA GLY A 281 -18.95 -1.74 -7.32
C GLY A 281 -19.69 -0.42 -7.36
N PRO A 282 -20.96 -0.47 -6.94
CA PRO A 282 -21.83 0.71 -7.05
C PRO A 282 -21.26 1.93 -6.35
N ILE A 283 -21.44 3.11 -6.96
CA ILE A 283 -20.89 4.34 -6.36
C ILE A 283 -21.55 4.61 -5.02
N SER A 284 -22.78 4.17 -4.86
CA SER A 284 -23.54 4.22 -3.62
C SER A 284 -24.44 3.00 -3.61
N THR A 285 -24.88 2.61 -2.42
CA THR A 285 -25.70 1.40 -2.30
C THR A 285 -26.91 1.44 -3.23
N GLY A 286 -27.07 0.39 -4.03
CA GLY A 286 -28.18 0.27 -4.93
C GLY A 286 -28.00 0.94 -6.27
N SER A 287 -26.91 1.66 -6.48
CA SER A 287 -26.74 2.35 -7.74
C SER A 287 -26.35 1.35 -8.82
N SER A 288 -26.76 1.63 -10.04
CA SER A 288 -26.29 0.88 -11.20
C SER A 288 -25.09 1.52 -11.86
N SER A 289 -24.53 2.59 -11.28
CA SER A 289 -23.26 3.11 -11.75
C SER A 289 -22.16 2.59 -10.84
N CYS A 290 -21.13 2.03 -11.42
CA CYS A 290 -20.03 1.39 -10.72
C CYS A 290 -18.76 2.21 -10.86
N PHE A 291 -17.91 2.16 -9.84
CA PHE A 291 -16.70 2.96 -9.84
C PHE A 291 -15.53 2.19 -10.41
N GLY A 292 -14.80 2.83 -11.33
CA GLY A 292 -13.68 2.16 -11.98
C GLY A 292 -12.42 2.06 -11.12
N GLY A 293 -11.71 0.95 -11.29
CA GLY A 293 -10.48 0.78 -10.54
C GLY A 293 -9.24 1.29 -11.22
N ILE A 294 -9.36 1.82 -12.43
CA ILE A 294 -8.30 2.51 -13.16
C ILE A 294 -8.76 3.94 -13.31
N GLN A 295 -7.94 4.87 -12.83
CA GLN A 295 -8.33 6.27 -12.78
C GLN A 295 -7.15 7.11 -13.24
N SER A 296 -7.44 8.35 -13.59
CA SER A 296 -6.40 9.24 -14.09
C SER A 296 -5.54 9.76 -12.95
N SER A 297 -4.24 9.82 -13.21
CA SER A 297 -3.29 10.42 -12.29
C SER A 297 -3.14 11.92 -12.50
N ALA A 298 -3.86 12.51 -13.45
CA ALA A 298 -3.66 13.92 -13.76
C ALA A 298 -3.99 14.75 -12.53
N GLY A 299 -3.08 15.64 -12.16
CA GLY A 299 -3.29 16.40 -10.95
C GLY A 299 -2.95 15.70 -9.63
N ILE A 300 -2.68 14.40 -9.64
CA ILE A 300 -1.93 13.80 -8.53
C ILE A 300 -0.45 14.13 -8.64
N GLY A 301 0.07 14.24 -9.86
CA GLY A 301 1.46 14.52 -10.10
C GLY A 301 2.36 13.31 -10.18
N ILE A 302 1.81 12.11 -10.00
CA ILE A 302 2.58 10.88 -10.04
C ILE A 302 1.63 9.75 -10.39
N ASN A 303 2.12 8.77 -11.16
CA ASN A 303 1.33 7.59 -11.44
C ASN A 303 1.49 6.62 -10.27
N ILE A 304 0.43 5.93 -9.90
CA ILE A 304 0.44 5.06 -8.72
C ILE A 304 -0.05 3.68 -9.11
N PHE A 305 0.84 2.69 -9.01
CA PHE A 305 0.47 1.28 -9.12
C PHE A 305 0.01 0.85 -7.73
N GLY A 306 -1.26 1.06 -7.46
CA GLY A 306 -1.87 0.72 -6.21
C GLY A 306 -2.34 -0.73 -6.20
N ASP A 307 -3.21 -1.05 -5.23
CA ASP A 307 -3.58 -2.45 -5.00
C ASP A 307 -4.19 -3.13 -6.23
N VAL A 308 -5.01 -2.39 -7.00
CA VAL A 308 -5.60 -2.97 -8.24
C VAL A 308 -4.52 -3.63 -9.08
N ALA A 309 -3.37 -2.97 -9.22
CA ALA A 309 -2.26 -3.51 -10.00
C ALA A 309 -1.46 -4.53 -9.18
N LEU A 310 -1.11 -4.17 -7.96
CA LEU A 310 -0.19 -5.02 -7.20
C LEU A 310 -0.83 -6.36 -6.86
N LYS A 311 -2.15 -6.41 -6.65
CA LYS A 311 -2.76 -7.69 -6.26
C LYS A 311 -2.83 -8.67 -7.43
N ALA A 312 -2.55 -8.22 -8.66
CA ALA A 312 -2.42 -9.16 -9.78
C ALA A 312 -1.04 -9.80 -9.86
N ALA A 313 -0.13 -9.48 -8.94
CA ALA A 313 1.25 -9.93 -9.06
C ALA A 313 1.76 -10.35 -7.68
N PHE A 314 2.85 -11.11 -7.71
CA PHE A 314 3.73 -11.28 -6.56
C PHE A 314 4.81 -10.23 -6.70
N VAL A 315 4.97 -9.36 -5.69
CA VAL A 315 5.82 -8.17 -5.81
C VAL A 315 6.94 -8.23 -4.78
N VAL A 316 8.17 -8.10 -5.26
CA VAL A 316 9.38 -8.11 -4.43
C VAL A 316 9.87 -6.69 -4.29
N PHE A 317 9.97 -6.21 -3.06
CA PHE A 317 10.55 -4.92 -2.75
C PHE A 317 11.96 -5.23 -2.25
N ASN A 318 12.94 -5.09 -3.14
CA ASN A 318 14.32 -5.45 -2.83
C ASN A 318 15.04 -4.20 -2.30
N GLY A 319 15.38 -4.22 -1.02
CA GLY A 319 16.02 -3.08 -0.39
C GLY A 319 17.52 -3.23 -0.24
N ALA A 320 18.14 -3.97 -1.17
CA ALA A 320 19.60 -4.03 -1.24
C ALA A 320 20.19 -2.65 -1.50
N THR A 321 21.52 -2.56 -1.48
CA THR A 321 22.18 -1.27 -1.67
C THR A 321 21.69 -0.56 -2.91
N THR A 322 21.51 -1.31 -4.01
CA THR A 322 20.83 -0.79 -5.19
C THR A 322 19.44 -1.39 -5.18
N PRO A 323 18.43 -0.63 -4.80
CA PRO A 323 17.07 -1.19 -4.69
C PRO A 323 16.47 -1.52 -6.05
N THR A 324 15.64 -2.57 -6.08
CA THR A 324 14.90 -2.92 -7.28
C THR A 324 13.53 -3.41 -6.86
N LEU A 325 12.63 -3.51 -7.86
CA LEU A 325 11.31 -4.08 -7.69
C LEU A 325 11.20 -5.30 -8.58
N GLY A 326 10.63 -6.38 -8.05
CA GLY A 326 10.36 -7.58 -8.84
C GLY A 326 8.87 -7.81 -8.97
N PHE A 327 8.45 -8.24 -10.15
CA PHE A 327 7.06 -8.62 -10.39
C PHE A 327 7.00 -10.00 -11.02
N ALA A 328 6.13 -10.87 -10.49
CA ALA A 328 5.82 -12.15 -11.13
C ALA A 328 4.31 -12.31 -11.23
N SER A 329 3.88 -13.07 -12.24
N SER A 329 3.89 -13.06 -12.23
CA SER A 329 2.49 -13.46 -12.29
CA SER A 329 2.49 -13.47 -12.29
C SER A 329 2.22 -14.50 -11.21
C SER A 329 2.23 -14.51 -11.20
N LYS A 330 0.95 -14.72 -10.90
CA LYS A 330 0.60 -15.71 -9.90
C LYS A 330 -0.79 -16.29 -10.14
S DMS B . -6.99 5.28 -0.79
O DMS B . -6.23 4.98 -2.05
C1 DMS B . -6.32 6.81 -0.10
C2 DMS B . -6.47 4.14 0.51
C10 IJG C . -0.15 8.02 -0.13
C12 IJG C . 0.82 6.87 0.42
C01 IJG C . 4.04 13.48 -5.01
C02 IJG C . 2.72 13.41 -4.85
C03 IJG C . 2.15 12.52 -3.74
C05 IJG C . 0.42 12.97 -2.14
C06 IJG C . 0.02 11.37 -3.90
C07 IJG C . 0.53 10.19 -3.04
C09 IJG C . 0.46 8.64 -1.35
C14 IJG C . -1.26 5.99 0.01
C15 IJG C . -2.11 5.79 1.28
C17 IJG C . -3.51 5.65 2.88
C18 IJG C . -4.67 5.83 3.60
C19 IJG C . -5.20 4.74 4.31
C20 IJG C . -6.40 4.89 5.01
C21 IJG C . -7.03 6.13 4.95
C22 IJG C . -8.35 6.42 5.66
C26 IJG C . -6.50 7.19 4.22
C27 IJG C . -5.31 7.04 3.53
C30 IJG C . -1.51 7.31 -0.26
C31 IJG C . 1.69 8.23 -1.90
F23 IJG C . -8.22 7.63 6.29
F24 IJG C . -9.33 6.55 4.71
F25 IJG C . -8.66 5.45 6.55
N04 IJG C . 0.70 12.64 -3.55
N08 IJG C . -0.09 9.68 -1.98
N13 IJG C . 0.30 5.74 0.00
N16 IJG C . -3.30 6.19 1.68
N28 IJG C . -2.50 4.89 3.24
O11 IJG C . -0.32 9.05 0.84
O29 IJG C . -1.60 4.98 2.23
S32 IJG C . 1.98 9.27 -3.28
S DMS D . -4.90 -4.36 23.80
O DMS D . -4.08 -5.61 23.95
C1 DMS D . -6.49 -4.80 23.06
C2 DMS D . -4.24 -3.34 22.47
S DMS E . -10.45 -5.81 -26.44
O DMS E . -10.21 -7.00 -25.58
C1 DMS E . -10.95 -4.48 -25.33
C2 DMS E . -12.00 -6.04 -27.36
C ACT F . -20.75 -4.74 -9.91
O ACT F . -19.76 -4.68 -9.11
OXT ACT F . -20.76 -4.96 -11.17
CH3 ACT F . -22.14 -4.51 -9.24
S DMS G . 7.01 9.02 -18.08
O DMS G . 5.92 8.60 -17.14
C1 DMS G . 7.81 10.54 -17.48
C2 DMS G . 6.27 9.69 -19.60
S DMS H . -4.41 -13.55 -11.60
O DMS H . -3.32 -13.93 -12.55
C1 DMS H . -4.24 -11.78 -11.30
C2 DMS H . -4.10 -14.17 -9.94
#